data_7UM8
#
_entry.id   7UM8
#
_cell.length_a   79.630
_cell.length_b   79.630
_cell.length_c   323.680
_cell.angle_alpha   90.000
_cell.angle_beta   90.000
_cell.angle_gamma   120.000
#
_symmetry.space_group_name_H-M   'P 61 2 2'
#
loop_
_entity.id
_entity.type
_entity.pdbx_description
1 polymer 'Enoyl-[acyl-carrier-protein] reductase [NADH] FabI'
2 non-polymer NICOTINAMIDE-ADENINE-DINUCLEOTIDE
3 non-polymer (2E)-3-[(7R)-7-amino-8-oxo-6,7,8,9-tetrahydro-5H-pyrido[2,3-b]azepin-3-yl]-N-methyl-N-[(3-methyl-1-benzofuran-2-yl)methyl]prop-2-enamide
4 water water
#
_entity_poly.entity_id   1
_entity_poly.type   'polypeptide(L)'
_entity_poly.pdbx_seq_one_letter_code
;GDHGMGFLSGKRILVTGVASKLSIAYGIAQAMHREGAELAFTYQNDKLKGRVEEFAAQLGSDIVLQCDVAEDASIDTMFA
ELGKVWPKFDGFVHSIGFAPGDQLDGDYVNAVTREGFKIAHDISSYSFVAMAKACRSMLNPGSALLTLSYLGAERAIPNY
NVMGLAKASLEANVRYMANAMGPEGVRVNAISAGPIRTLAASGIKDFRKMLAHCEAVTPIRRTVTIEDVGNSAAFLCSDL
SAGISGEVVHVDGGFSIAAMNELELK
;
_entity_poly.pdbx_strand_id   A,B
#
# COMPACT_ATOMS: atom_id res chain seq x y z
N GLY A 6 15.48 25.97 -21.44
CA GLY A 6 15.05 25.66 -20.08
C GLY A 6 15.72 24.45 -19.49
N PHE A 7 15.42 24.10 -18.21
CA PHE A 7 16.20 23.05 -17.59
C PHE A 7 15.76 21.64 -17.98
N LEU A 8 14.73 21.50 -18.85
CA LEU A 8 14.43 20.21 -19.45
C LEU A 8 14.82 20.17 -20.93
N SER A 9 15.59 21.14 -21.41
CA SER A 9 15.98 21.12 -22.82
C SER A 9 16.73 19.84 -23.14
N GLY A 10 16.33 19.17 -24.23
CA GLY A 10 16.94 17.92 -24.61
C GLY A 10 16.25 16.68 -24.07
N LYS A 11 15.26 16.84 -23.21
CA LYS A 11 14.54 15.70 -22.66
C LYS A 11 13.29 15.44 -23.49
N ARG A 12 12.86 14.19 -23.51
CA ARG A 12 11.63 13.76 -24.16
C ARG A 12 10.83 13.01 -23.10
N ILE A 13 9.66 13.54 -22.72
CA ILE A 13 8.88 13.06 -21.57
C ILE A 13 7.47 12.73 -22.05
N LEU A 14 7.02 11.50 -21.75
CA LEU A 14 5.65 11.06 -22.00
C LEU A 14 4.78 11.48 -20.82
N VAL A 15 3.64 12.12 -21.09
CA VAL A 15 2.72 12.60 -20.03
C VAL A 15 1.38 11.84 -20.17
N THR A 16 0.99 11.13 -19.12
CA THR A 16 -0.33 10.48 -19.04
C THR A 16 -1.27 11.39 -18.26
N GLY A 17 -2.57 11.09 -18.36
CA GLY A 17 -3.51 11.64 -17.40
C GLY A 17 -4.05 13.03 -17.68
N VAL A 18 -3.82 13.60 -18.85
CA VAL A 18 -4.49 14.87 -19.16
C VAL A 18 -5.94 14.59 -19.48
N ALA A 19 -6.85 15.14 -18.68
CA ALA A 19 -8.29 14.98 -18.92
C ALA A 19 -9.01 16.31 -19.14
N SER A 20 -8.46 17.41 -18.65
CA SER A 20 -9.04 18.75 -18.73
C SER A 20 -7.95 19.76 -18.42
N LYS A 21 -8.23 21.04 -18.71
CA LYS A 21 -7.28 22.08 -18.32
C LYS A 21 -7.03 22.13 -16.82
N LEU A 22 -7.88 21.49 -16.02
CA LEU A 22 -7.74 21.47 -14.56
C LEU A 22 -6.80 20.38 -14.09
N SER A 23 -6.54 19.38 -14.94
CA SER A 23 -5.77 18.20 -14.53
C SER A 23 -4.40 18.59 -14.00
N ILE A 24 -3.93 17.84 -12.99
CA ILE A 24 -2.55 18.01 -12.53
C ILE A 24 -1.59 17.80 -13.70
N ALA A 25 -1.88 16.81 -14.56
CA ALA A 25 -0.98 16.51 -15.68
C ALA A 25 -0.95 17.65 -16.68
N TYR A 26 -2.05 18.39 -16.78
CA TYR A 26 -2.04 19.55 -17.68
C TYR A 26 -1.06 20.59 -17.16
N GLY A 27 -1.07 20.85 -15.84
CA GLY A 27 -0.11 21.79 -15.29
C GLY A 27 1.32 21.30 -15.40
N ILE A 28 1.52 19.98 -15.21
CA ILE A 28 2.86 19.42 -15.41
C ILE A 28 3.32 19.62 -16.85
N ALA A 29 2.47 19.27 -17.81
CA ALA A 29 2.88 19.41 -19.22
C ALA A 29 3.23 20.86 -19.56
N GLN A 30 2.47 21.81 -19.05
CA GLN A 30 2.74 23.21 -19.36
C GLN A 30 4.07 23.64 -18.81
N ALA A 31 4.34 23.26 -17.56
CA ALA A 31 5.60 23.60 -16.94
C ALA A 31 6.75 22.95 -17.71
N MET A 32 6.57 21.69 -18.10
CA MET A 32 7.68 21.00 -18.77
C MET A 32 7.95 21.62 -20.14
N HIS A 33 6.87 21.99 -20.84
CA HIS A 33 7.02 22.60 -22.15
C HIS A 33 7.80 23.91 -22.00
N ARG A 34 7.42 24.68 -20.97
CA ARG A 34 8.02 25.98 -20.73
C ARG A 34 9.51 25.84 -20.47
N GLU A 35 9.92 24.73 -19.85
CA GLU A 35 11.33 24.43 -19.59
C GLU A 35 12.01 23.64 -20.71
N GLY A 36 11.36 23.50 -21.89
CA GLY A 36 12.06 22.99 -23.04
C GLY A 36 11.95 21.49 -23.33
N ALA A 37 11.12 20.73 -22.59
CA ALA A 37 11.01 19.33 -22.93
C ALA A 37 10.24 19.19 -24.24
N GLU A 38 10.50 18.13 -24.95
CA GLU A 38 9.57 17.68 -25.98
C GLU A 38 8.61 16.73 -25.29
N LEU A 39 7.33 16.79 -25.66
CA LEU A 39 6.31 16.07 -24.90
C LEU A 39 5.60 15.09 -25.84
N ALA A 40 5.16 13.96 -25.27
CA ALA A 40 4.21 13.05 -25.91
C ALA A 40 3.09 12.82 -24.91
N PHE A 41 1.89 12.48 -25.42
CA PHE A 41 0.71 12.37 -24.55
C PHE A 41 -0.04 11.06 -24.77
N THR A 42 -0.65 10.56 -23.70
CA THR A 42 -1.58 9.44 -23.86
C THR A 42 -2.99 9.90 -23.50
N TYR A 43 -3.99 9.19 -24.00
CA TYR A 43 -5.35 9.41 -23.55
C TYR A 43 -6.00 8.06 -23.25
N GLN A 44 -6.89 8.06 -22.25
CA GLN A 44 -7.47 6.80 -21.79
C GLN A 44 -8.38 6.14 -22.82
N ASN A 45 -9.18 6.95 -23.54
CA ASN A 45 -10.27 6.34 -24.29
C ASN A 45 -10.74 7.32 -25.37
N ASP A 46 -11.71 6.87 -26.18
CA ASP A 46 -12.14 7.72 -27.27
C ASP A 46 -12.82 9.00 -26.79
N LYS A 47 -13.44 8.97 -25.61
CA LYS A 47 -14.03 10.18 -25.05
C LYS A 47 -13.03 11.32 -24.94
N LEU A 48 -11.79 11.00 -24.56
CA LEU A 48 -10.78 12.02 -24.20
C LEU A 48 -9.85 12.37 -25.36
N LYS A 49 -9.88 11.59 -26.44
CA LYS A 49 -8.93 11.78 -27.53
C LYS A 49 -8.88 13.23 -28.04
N GLY A 50 -10.02 13.79 -28.38
CA GLY A 50 -10.02 15.11 -29.00
C GLY A 50 -9.43 16.19 -28.12
N ARG A 51 -9.77 16.16 -26.82
CA ARG A 51 -9.17 17.14 -25.92
C ARG A 51 -7.67 17.01 -25.83
N VAL A 52 -7.17 15.77 -25.72
CA VAL A 52 -5.73 15.58 -25.56
C VAL A 52 -5.00 15.98 -26.84
N GLU A 53 -5.54 15.64 -28.02
CA GLU A 53 -4.95 16.17 -29.25
C GLU A 53 -4.89 17.67 -29.30
N GLU A 54 -5.96 18.36 -28.87
CA GLU A 54 -5.94 19.82 -28.89
C GLU A 54 -4.86 20.36 -27.96
N PHE A 55 -4.84 19.86 -26.73
CA PHE A 55 -3.83 20.35 -25.80
C PHE A 55 -2.44 20.05 -26.31
N ALA A 56 -2.21 18.83 -26.78
CA ALA A 56 -0.90 18.46 -27.30
C ALA A 56 -0.47 19.41 -28.41
N ALA A 57 -1.35 19.65 -29.40
CA ALA A 57 -1.03 20.60 -30.47
C ALA A 57 -0.65 21.97 -29.93
N GLN A 58 -1.31 22.42 -28.85
CA GLN A 58 -1.01 23.73 -28.26
C GLN A 58 0.38 23.76 -27.62
N LEU A 59 0.91 22.61 -27.22
CA LEU A 59 2.28 22.47 -26.73
C LEU A 59 3.23 21.91 -27.79
N GLY A 60 2.91 22.05 -29.07
CA GLY A 60 3.78 21.66 -30.17
C GLY A 60 4.04 20.18 -30.33
N SER A 61 3.17 19.32 -29.79
CA SER A 61 3.34 17.87 -29.89
C SER A 61 2.34 17.26 -30.87
N ASP A 62 2.84 16.28 -31.62
CA ASP A 62 2.10 15.43 -32.54
C ASP A 62 1.93 14.00 -32.06
N ILE A 63 2.39 13.68 -30.84
CA ILE A 63 2.47 12.29 -30.40
C ILE A 63 1.38 12.15 -29.36
N VAL A 64 0.22 11.62 -29.78
CA VAL A 64 -0.97 11.48 -28.93
C VAL A 64 -1.48 10.05 -29.12
N LEU A 65 -1.36 9.21 -28.08
CA LEU A 65 -1.51 7.76 -28.23
C LEU A 65 -2.49 7.25 -27.20
N GLN A 66 -3.34 6.30 -27.60
CA GLN A 66 -4.31 5.77 -26.65
C GLN A 66 -3.60 4.85 -25.65
N CYS A 67 -3.98 4.92 -24.36
CA CYS A 67 -3.43 3.92 -23.46
C CYS A 67 -4.39 3.77 -22.29
N ASP A 68 -4.93 2.57 -22.10
CA ASP A 68 -5.76 2.26 -20.95
C ASP A 68 -4.98 1.33 -20.05
N VAL A 69 -4.53 1.84 -18.89
CA VAL A 69 -3.59 1.03 -18.13
C VAL A 69 -4.23 -0.15 -17.45
N ALA A 70 -5.54 -0.35 -17.61
CA ALA A 70 -6.15 -1.62 -17.18
C ALA A 70 -5.68 -2.82 -18.02
N GLU A 71 -5.15 -2.59 -19.22
CA GLU A 71 -4.89 -3.65 -20.18
C GLU A 71 -3.41 -3.68 -20.52
N ASP A 72 -2.76 -4.84 -20.31
CA ASP A 72 -1.34 -4.94 -20.64
C ASP A 72 -1.11 -4.67 -22.11
N ALA A 73 -2.02 -5.20 -22.95
CA ALA A 73 -1.82 -5.04 -24.38
C ALA A 73 -1.92 -3.56 -24.80
N SER A 74 -2.76 -2.76 -24.12
CA SER A 74 -2.87 -1.36 -24.47
C SER A 74 -1.55 -0.64 -24.17
N ILE A 75 -0.96 -0.93 -22.99
CA ILE A 75 0.32 -0.30 -22.64
C ILE A 75 1.42 -0.69 -23.64
N ASP A 76 1.52 -1.99 -23.96
CA ASP A 76 2.49 -2.50 -24.96
C ASP A 76 2.32 -1.85 -26.32
N THR A 77 1.09 -1.82 -26.80
CA THR A 77 0.82 -1.23 -28.11
C THR A 77 1.18 0.24 -28.12
N MET A 78 0.87 0.94 -27.04
CA MET A 78 1.23 2.33 -26.94
C MET A 78 2.74 2.52 -27.04
N PHE A 79 3.51 1.72 -26.33
CA PHE A 79 4.94 1.97 -26.34
C PHE A 79 5.57 1.51 -27.63
N ALA A 80 4.95 0.52 -28.30
CA ALA A 80 5.36 0.18 -29.67
C ALA A 80 5.13 1.35 -30.60
N GLU A 81 3.96 1.98 -30.51
CA GLU A 81 3.72 3.15 -31.36
C GLU A 81 4.71 4.26 -31.02
N LEU A 82 4.88 4.54 -29.73
CA LEU A 82 5.80 5.60 -29.30
C LEU A 82 7.21 5.36 -29.85
N GLY A 83 7.67 4.11 -29.86
CA GLY A 83 9.01 3.82 -30.33
C GLY A 83 9.22 4.09 -31.81
N LYS A 84 8.16 4.21 -32.61
CA LYS A 84 8.32 4.63 -34.00
C LYS A 84 8.80 6.07 -34.12
N VAL A 85 8.55 6.92 -33.14
CA VAL A 85 8.99 8.30 -33.19
C VAL A 85 10.06 8.61 -32.13
N TRP A 86 10.03 7.92 -31.00
CA TRP A 86 10.98 8.11 -29.90
C TRP A 86 11.54 6.74 -29.58
N PRO A 87 12.53 6.27 -30.32
CA PRO A 87 13.07 4.93 -30.00
C PRO A 87 13.62 4.85 -28.59
N LYS A 88 14.17 5.96 -28.09
CA LYS A 88 14.49 6.07 -26.67
C LYS A 88 13.89 7.37 -26.17
N PHE A 89 13.63 7.46 -24.85
CA PHE A 89 13.21 8.73 -24.30
C PHE A 89 13.62 8.77 -22.84
N ASP A 90 13.19 9.82 -22.14
CA ASP A 90 13.81 10.17 -20.87
C ASP A 90 12.89 10.04 -19.65
N GLY A 91 11.75 9.37 -19.80
CA GLY A 91 10.87 9.05 -18.68
C GLY A 91 9.45 9.47 -18.97
N PHE A 92 8.59 9.27 -17.95
CA PHE A 92 7.17 9.54 -18.11
C PHE A 92 6.60 10.01 -16.79
N VAL A 93 5.49 10.73 -16.92
CA VAL A 93 4.67 11.21 -15.80
C VAL A 93 3.42 10.35 -15.74
N HIS A 94 3.27 9.61 -14.63
CA HIS A 94 2.08 8.82 -14.29
C HIS A 94 1.13 9.67 -13.44
N SER A 95 -0.01 10.09 -14.02
CA SER A 95 -0.96 10.95 -13.31
C SER A 95 -2.34 10.33 -13.50
N ILE A 96 -2.49 9.14 -12.89
CA ILE A 96 -3.61 8.24 -13.09
C ILE A 96 -3.99 7.70 -11.73
N GLY A 97 -5.22 7.98 -11.30
CA GLY A 97 -5.71 7.46 -10.03
C GLY A 97 -7.20 7.19 -10.23
N PHE A 98 -7.68 6.04 -9.79
CA PHE A 98 -9.11 5.73 -9.95
C PHE A 98 -9.55 4.67 -8.96
N ALA A 99 -10.69 4.91 -8.30
CA ALA A 99 -11.47 3.86 -7.64
C ALA A 99 -12.91 4.06 -8.04
N PRO A 100 -13.69 2.99 -8.13
CA PRO A 100 -15.13 3.16 -8.39
C PRO A 100 -15.73 4.17 -7.38
N GLY A 101 -16.60 5.08 -7.87
CA GLY A 101 -16.96 6.20 -7.00
C GLY A 101 -17.65 5.79 -5.70
N ASP A 102 -18.33 4.64 -5.69
CA ASP A 102 -18.99 4.24 -4.45
C ASP A 102 -17.98 3.86 -3.38
N GLN A 103 -16.72 3.71 -3.76
CA GLN A 103 -15.73 3.42 -2.72
C GLN A 103 -15.42 4.63 -1.85
N LEU A 104 -15.71 5.85 -2.36
CA LEU A 104 -15.20 7.11 -1.82
C LEU A 104 -16.26 7.92 -1.07
N ASP A 105 -17.18 7.23 -0.42
CA ASP A 105 -18.25 7.87 0.35
C ASP A 105 -18.60 7.02 1.55
N GLY A 106 -18.49 7.59 2.74
CA GLY A 106 -18.99 6.92 3.93
C GLY A 106 -17.90 6.16 4.63
N ASP A 107 -18.35 5.46 5.67
CA ASP A 107 -17.48 4.61 6.48
C ASP A 107 -16.66 3.69 5.57
N TYR A 108 -15.32 3.70 5.81
CA TYR A 108 -14.40 2.95 4.94
C TYR A 108 -14.70 1.46 4.98
N VAL A 109 -14.88 0.91 6.18
CA VAL A 109 -15.04 -0.55 6.28
C VAL A 109 -16.32 -0.98 5.60
N ASN A 110 -17.37 -0.17 5.69
CA ASN A 110 -18.63 -0.51 4.99
C ASN A 110 -18.53 -0.28 3.47
N ALA A 111 -17.81 0.76 3.04
CA ALA A 111 -17.76 1.05 1.59
C ALA A 111 -16.82 0.10 0.84
N VAL A 112 -15.72 -0.34 1.48
CA VAL A 112 -14.76 -1.10 0.68
C VAL A 112 -15.34 -2.46 0.30
N THR A 113 -15.00 -2.91 -0.91
CA THR A 113 -15.34 -4.24 -1.39
C THR A 113 -14.09 -4.82 -2.04
N ARG A 114 -14.09 -6.16 -2.23
CA ARG A 114 -12.95 -6.82 -2.88
C ARG A 114 -12.69 -6.27 -4.29
N GLU A 115 -13.75 -6.04 -5.05
CA GLU A 115 -13.61 -5.52 -6.41
C GLU A 115 -13.20 -4.06 -6.43
N GLY A 116 -13.76 -3.24 -5.54
CA GLY A 116 -13.36 -1.84 -5.49
C GLY A 116 -11.89 -1.73 -5.08
N PHE A 117 -11.50 -2.56 -4.14
CA PHE A 117 -10.10 -2.65 -3.73
C PHE A 117 -9.23 -3.05 -4.91
N LYS A 118 -9.65 -4.11 -5.63
CA LYS A 118 -8.85 -4.61 -6.73
C LYS A 118 -8.61 -3.51 -7.76
N ILE A 119 -9.68 -2.82 -8.14
CA ILE A 119 -9.59 -1.81 -9.18
C ILE A 119 -8.74 -0.63 -8.72
N ALA A 120 -8.97 -0.16 -7.49
CA ALA A 120 -8.20 0.99 -7.01
C ALA A 120 -6.71 0.69 -7.05
N HIS A 121 -6.34 -0.49 -6.58
CA HIS A 121 -4.89 -0.81 -6.54
C HIS A 121 -4.35 -1.07 -7.93
N ASP A 122 -5.15 -1.75 -8.76
CA ASP A 122 -4.72 -2.04 -10.14
C ASP A 122 -4.45 -0.77 -10.94
N ILE A 123 -5.43 0.14 -10.98
CA ILE A 123 -5.33 1.32 -11.81
C ILE A 123 -4.42 2.36 -11.17
N SER A 124 -4.47 2.50 -9.83
CA SER A 124 -3.69 3.61 -9.20
C SER A 124 -2.27 3.23 -8.81
N SER A 125 -2.00 1.95 -8.59
CA SER A 125 -0.65 1.55 -8.16
C SER A 125 0.02 0.64 -9.18
N TYR A 126 -0.58 -0.51 -9.52
CA TYR A 126 0.13 -1.44 -10.40
C TYR A 126 0.47 -0.76 -11.74
N SER A 127 -0.42 0.10 -12.23
CA SER A 127 -0.19 0.65 -13.56
C SER A 127 1.13 1.42 -13.65
N PHE A 128 1.67 1.92 -12.53
CA PHE A 128 2.91 2.66 -12.63
C PHE A 128 4.06 1.72 -12.99
N VAL A 129 4.11 0.56 -12.33
CA VAL A 129 5.21 -0.37 -12.66
C VAL A 129 4.89 -1.07 -13.97
N ALA A 130 3.59 -1.25 -14.29
CA ALA A 130 3.24 -1.84 -15.59
C ALA A 130 3.84 -1.04 -16.73
N MET A 131 3.72 0.27 -16.63
CA MET A 131 4.27 1.19 -17.64
C MET A 131 5.81 1.08 -17.66
N ALA A 132 6.46 1.10 -16.47
CA ALA A 132 7.94 1.00 -16.44
C ALA A 132 8.41 -0.31 -17.06
N LYS A 133 7.66 -1.41 -16.81
CA LYS A 133 8.05 -2.69 -17.40
C LYS A 133 8.04 -2.59 -18.91
N ALA A 134 6.99 -1.99 -19.45
CA ALA A 134 6.79 -2.00 -20.89
C ALA A 134 7.73 -1.07 -21.63
N CYS A 135 8.34 -0.07 -20.99
CA CYS A 135 9.27 0.82 -21.69
C CYS A 135 10.70 0.76 -21.16
N ARG A 136 11.01 -0.21 -20.32
CA ARG A 136 12.29 -0.21 -19.60
C ARG A 136 13.48 -0.13 -20.55
N SER A 137 13.44 -0.93 -21.62
CA SER A 137 14.54 -0.92 -22.57
C SER A 137 14.57 0.35 -23.42
N MET A 138 13.57 1.20 -23.37
CA MET A 138 13.56 2.45 -24.12
C MET A 138 14.07 3.63 -23.32
N LEU A 139 14.37 3.46 -22.03
CA LEU A 139 14.76 4.60 -21.20
C LEU A 139 16.26 4.93 -21.34
N ASN A 140 16.58 6.19 -21.60
CA ASN A 140 17.99 6.62 -21.59
C ASN A 140 18.57 6.60 -20.18
N PRO A 141 19.89 6.43 -20.05
CA PRO A 141 20.52 6.78 -18.78
C PRO A 141 20.10 8.19 -18.42
N GLY A 142 19.87 8.44 -17.12
CA GLY A 142 19.46 9.77 -16.71
C GLY A 142 17.97 9.99 -16.74
N SER A 143 17.21 8.95 -17.06
CA SER A 143 15.76 9.07 -17.16
C SER A 143 15.16 9.27 -15.77
N ALA A 144 13.91 9.77 -15.73
CA ALA A 144 13.18 9.95 -14.49
C ALA A 144 11.71 9.60 -14.66
N LEU A 145 11.15 8.86 -13.70
CA LEU A 145 9.75 8.49 -13.67
C LEU A 145 9.10 9.22 -12.49
N LEU A 146 7.89 9.71 -12.70
CA LEU A 146 7.20 10.45 -11.66
C LEU A 146 5.75 10.00 -11.54
N THR A 147 5.24 9.89 -10.31
CA THR A 147 3.81 9.63 -10.10
C THR A 147 3.30 10.62 -9.09
N LEU A 148 1.96 10.65 -8.90
CA LEU A 148 1.32 11.58 -8.01
C LEU A 148 0.64 10.80 -6.90
N SER A 149 0.95 11.15 -5.67
CA SER A 149 0.32 10.53 -4.50
C SER A 149 -0.44 11.58 -3.68
N TYR A 150 -0.99 11.14 -2.54
CA TYR A 150 -1.77 12.02 -1.70
C TYR A 150 -1.58 11.56 -0.27
N LEU A 151 -1.71 12.52 0.66
CA LEU A 151 -1.55 12.33 2.10
C LEU A 151 -2.41 11.19 2.66
N GLY A 152 -3.52 10.86 1.99
CA GLY A 152 -4.27 9.65 2.38
C GLY A 152 -3.46 8.37 2.39
N ALA A 153 -2.30 8.34 1.72
CA ALA A 153 -1.43 7.16 1.86
C ALA A 153 -0.96 7.01 3.28
N GLU A 154 -0.70 8.15 3.96
CA GLU A 154 0.00 8.14 5.23
C GLU A 154 -0.91 8.35 6.41
N ARG A 155 -2.06 8.97 6.22
CA ARG A 155 -3.00 9.24 7.32
C ARG A 155 -4.36 8.77 6.86
N ALA A 156 -5.23 8.42 7.82
CA ALA A 156 -6.61 8.02 7.48
C ALA A 156 -7.42 9.29 7.28
N ILE A 157 -7.91 9.51 6.06
CA ILE A 157 -8.68 10.70 5.74
C ILE A 157 -10.12 10.26 5.47
N PRO A 158 -11.12 10.89 6.09
CA PRO A 158 -12.52 10.50 5.82
C PRO A 158 -12.82 10.49 4.33
N ASN A 159 -13.50 9.42 3.91
CA ASN A 159 -14.04 9.20 2.57
C ASN A 159 -12.98 8.86 1.54
N TYR A 160 -11.69 9.16 1.79
CA TYR A 160 -10.68 8.76 0.80
C TYR A 160 -10.58 7.23 0.73
N ASN A 161 -10.79 6.55 1.87
CA ASN A 161 -11.17 5.13 1.89
C ASN A 161 -10.14 4.33 1.12
N VAL A 162 -10.55 3.44 0.20
CA VAL A 162 -9.55 2.51 -0.36
C VAL A 162 -8.54 3.22 -1.25
N MET A 163 -8.79 4.46 -1.71
CA MET A 163 -7.71 5.17 -2.41
C MET A 163 -6.49 5.38 -1.50
N GLY A 164 -6.69 5.48 -0.17
CA GLY A 164 -5.51 5.67 0.70
C GLY A 164 -4.61 4.44 0.69
N LEU A 165 -5.21 3.26 0.65
CA LEU A 165 -4.39 2.01 0.58
C LEU A 165 -3.71 1.94 -0.76
N ALA A 166 -4.44 2.32 -1.83
CA ALA A 166 -3.85 2.24 -3.14
C ALA A 166 -2.68 3.23 -3.26
N LYS A 167 -2.82 4.44 -2.69
CA LYS A 167 -1.67 5.35 -2.69
C LYS A 167 -0.51 4.83 -1.84
N ALA A 168 -0.81 4.16 -0.73
CA ALA A 168 0.30 3.61 0.07
C ALA A 168 1.05 2.53 -0.71
N SER A 169 0.28 1.68 -1.43
CA SER A 169 0.90 0.75 -2.36
C SER A 169 1.75 1.48 -3.42
N LEU A 170 1.22 2.58 -4.00
CA LEU A 170 1.95 3.38 -5.00
C LEU A 170 3.25 3.96 -4.44
N GLU A 171 3.26 4.43 -3.18
CA GLU A 171 4.51 5.02 -2.68
C GLU A 171 5.54 3.93 -2.42
N ALA A 172 5.12 2.74 -1.99
CA ALA A 172 6.05 1.64 -1.90
C ALA A 172 6.54 1.23 -3.30
N ASN A 173 5.66 1.30 -4.28
CA ASN A 173 6.05 1.03 -5.65
C ASN A 173 7.17 1.99 -6.07
N VAL A 174 7.07 3.27 -5.67
CA VAL A 174 8.13 4.23 -5.97
C VAL A 174 9.46 3.74 -5.42
N ARG A 175 9.48 3.32 -4.15
CA ARG A 175 10.71 2.82 -3.55
C ARG A 175 11.24 1.59 -4.28
N TYR A 176 10.38 0.58 -4.51
CA TYR A 176 10.86 -0.65 -5.13
C TYR A 176 11.32 -0.38 -6.55
N MET A 177 10.62 0.51 -7.28
CA MET A 177 11.02 0.78 -8.65
C MET A 177 12.33 1.54 -8.64
N ALA A 178 12.49 2.50 -7.70
CA ALA A 178 13.76 3.23 -7.65
C ALA A 178 14.91 2.29 -7.33
N ASN A 179 14.68 1.38 -6.40
CA ASN A 179 15.75 0.46 -6.03
C ASN A 179 16.14 -0.43 -7.21
N ALA A 180 15.16 -0.90 -7.99
CA ALA A 180 15.38 -1.85 -9.08
C ALA A 180 16.03 -1.17 -10.27
N MET A 181 15.60 0.07 -10.60
CA MET A 181 16.02 0.73 -11.85
C MET A 181 17.14 1.76 -11.69
N GLY A 182 17.49 2.12 -10.46
CA GLY A 182 18.60 2.99 -10.17
C GLY A 182 19.88 2.57 -10.86
N PRO A 183 20.26 1.30 -10.79
CA PRO A 183 21.58 0.92 -11.34
C PRO A 183 21.68 1.06 -12.86
N GLU A 184 20.56 1.03 -13.61
CA GLU A 184 20.44 1.33 -15.06
C GLU A 184 20.50 2.81 -15.36
N GLY A 185 20.48 3.64 -14.36
CA GLY A 185 20.39 5.07 -14.56
C GLY A 185 19.00 5.68 -14.58
N VAL A 186 18.00 5.07 -13.94
CA VAL A 186 16.65 5.64 -13.93
C VAL A 186 16.26 6.00 -12.49
N ARG A 187 15.78 7.24 -12.27
CA ARG A 187 15.23 7.66 -10.97
C ARG A 187 13.71 7.55 -10.99
N VAL A 188 13.11 7.32 -9.81
CA VAL A 188 11.67 7.17 -9.66
C VAL A 188 11.29 7.91 -8.39
N ASN A 189 10.32 8.81 -8.51
CA ASN A 189 9.89 9.62 -7.38
C ASN A 189 8.39 9.85 -7.46
N ALA A 190 7.83 10.38 -6.37
CA ALA A 190 6.44 10.83 -6.39
C ALA A 190 6.35 12.25 -5.84
N ILE A 191 5.26 12.93 -6.22
CA ILE A 191 4.81 14.15 -5.55
C ILE A 191 3.57 13.81 -4.77
N SER A 192 3.58 14.08 -3.45
CA SER A 192 2.34 14.00 -2.65
C SER A 192 1.73 15.40 -2.69
N ALA A 193 0.73 15.59 -3.56
CA ALA A 193 0.19 16.93 -3.77
C ALA A 193 -0.88 17.23 -2.73
N GLY A 194 -1.02 18.51 -2.36
CA GLY A 194 -2.17 18.95 -1.59
C GLY A 194 -3.44 18.85 -2.43
N PRO A 195 -4.60 18.91 -1.79
CA PRO A 195 -5.86 18.81 -2.56
C PRO A 195 -6.02 19.95 -3.53
N ILE A 196 -6.51 19.60 -4.71
CA ILE A 196 -6.79 20.55 -5.80
C ILE A 196 -8.15 20.24 -6.42
N ARG A 197 -8.90 21.28 -6.76
CA ARG A 197 -10.25 21.06 -7.30
C ARG A 197 -10.14 20.75 -8.81
N THR A 198 -9.90 19.48 -9.14
CA THR A 198 -9.85 18.99 -10.51
C THR A 198 -11.05 18.05 -10.70
N LEU A 199 -11.08 17.37 -11.86
CA LEU A 199 -12.06 16.31 -12.01
C LEU A 199 -11.96 15.23 -10.94
N ALA A 200 -10.81 15.08 -10.27
CA ALA A 200 -10.73 14.10 -9.20
C ALA A 200 -11.55 14.51 -7.99
N ALA A 201 -12.11 15.74 -7.97
CA ALA A 201 -13.01 16.11 -6.89
C ALA A 201 -14.46 15.84 -7.25
N SER A 202 -14.73 15.31 -8.44
CA SER A 202 -16.12 15.11 -8.88
C SER A 202 -16.89 14.23 -7.90
N GLY A 203 -18.05 14.71 -7.47
CA GLY A 203 -18.88 13.90 -6.60
C GLY A 203 -18.37 13.72 -5.18
N ILE A 204 -17.25 14.32 -4.82
CA ILE A 204 -16.68 14.14 -3.50
C ILE A 204 -17.34 15.08 -2.50
N LYS A 205 -17.86 14.48 -1.44
CA LYS A 205 -18.55 15.11 -0.32
C LYS A 205 -17.65 16.15 0.37
N ASP A 206 -18.18 17.36 0.52
CA ASP A 206 -17.53 18.42 1.28
C ASP A 206 -16.17 18.82 0.73
N PHE A 207 -15.94 18.66 -0.58
CA PHE A 207 -14.61 19.01 -1.11
C PHE A 207 -14.30 20.48 -0.88
N ARG A 208 -15.32 21.33 -0.94
CA ARG A 208 -15.08 22.75 -0.74
C ARG A 208 -14.74 23.05 0.71
N LYS A 209 -15.41 22.38 1.64
CA LYS A 209 -15.11 22.58 3.06
C LYS A 209 -13.68 22.14 3.36
N MET A 210 -13.28 21.04 2.74
CA MET A 210 -11.91 20.55 2.86
C MET A 210 -10.90 21.58 2.37
N LEU A 211 -11.14 22.16 1.20
CA LEU A 211 -10.20 23.15 0.69
C LEU A 211 -10.14 24.36 1.61
N ALA A 212 -11.29 24.79 2.17
CA ALA A 212 -11.28 25.89 3.12
C ALA A 212 -10.46 25.55 4.34
N HIS A 213 -10.64 24.34 4.88
CA HIS A 213 -9.80 23.86 5.98
C HIS A 213 -8.33 23.95 5.61
N CYS A 214 -7.93 23.31 4.50
CA CYS A 214 -6.51 23.33 4.13
C CYS A 214 -6.04 24.76 3.97
N GLU A 215 -6.88 25.65 3.41
CA GLU A 215 -6.34 26.97 3.17
C GLU A 215 -6.10 27.69 4.49
N ALA A 216 -6.84 27.32 5.54
CA ALA A 216 -6.70 27.94 6.86
C ALA A 216 -5.53 27.39 7.66
N VAL A 217 -5.20 26.09 7.51
CA VAL A 217 -4.18 25.48 8.34
C VAL A 217 -2.86 25.19 7.60
N THR A 218 -2.84 25.33 6.30
CA THR A 218 -1.60 25.14 5.55
C THR A 218 -0.63 26.27 5.89
N PRO A 219 0.66 25.98 6.20
CA PRO A 219 1.58 27.10 6.50
C PRO A 219 1.61 28.24 5.48
N ILE A 220 1.60 27.95 4.18
CA ILE A 220 1.60 29.05 3.23
C ILE A 220 0.23 29.70 3.06
N ARG A 221 -0.81 29.22 3.78
CA ARG A 221 -2.13 29.84 3.90
C ARG A 221 -2.85 29.90 2.55
N ARG A 222 -2.52 28.98 1.66
CA ARG A 222 -3.31 28.75 0.45
C ARG A 222 -3.20 27.29 0.11
N THR A 223 -4.13 26.80 -0.71
CA THR A 223 -3.93 25.46 -1.24
C THR A 223 -3.07 25.57 -2.50
N VAL A 224 -2.50 24.42 -2.93
CA VAL A 224 -1.55 24.42 -4.04
C VAL A 224 -2.30 24.41 -5.37
N THR A 225 -1.59 24.80 -6.41
CA THR A 225 -2.14 24.77 -7.75
C THR A 225 -1.45 23.75 -8.63
N ILE A 226 -2.07 23.47 -9.79
CA ILE A 226 -1.35 22.65 -10.77
C ILE A 226 -0.11 23.37 -11.32
N GLU A 227 -0.01 24.70 -11.21
CA GLU A 227 1.26 25.38 -11.48
C GLU A 227 2.33 25.01 -10.46
N ASP A 228 1.97 24.98 -9.18
CA ASP A 228 2.93 24.58 -8.12
C ASP A 228 3.41 23.15 -8.33
N VAL A 229 2.46 22.25 -8.58
CA VAL A 229 2.83 20.84 -8.79
C VAL A 229 3.62 20.70 -10.09
N GLY A 230 3.23 21.46 -11.13
CA GLY A 230 3.94 21.35 -12.39
C GLY A 230 5.41 21.73 -12.26
N ASN A 231 5.68 22.82 -11.55
CA ASN A 231 7.06 23.25 -11.35
C ASN A 231 7.87 22.20 -10.58
N SER A 232 7.29 21.63 -9.54
CA SER A 232 8.04 20.57 -8.84
C SER A 232 8.21 19.33 -9.69
N ALA A 233 7.18 18.96 -10.49
CA ALA A 233 7.30 17.81 -11.36
C ALA A 233 8.42 17.99 -12.40
N ALA A 234 8.45 19.16 -13.03
CA ALA A 234 9.50 19.45 -13.99
C ALA A 234 10.88 19.29 -13.35
N PHE A 235 11.06 19.84 -12.14
CA PHE A 235 12.36 19.65 -11.44
C PHE A 235 12.65 18.14 -11.23
N LEU A 236 11.64 17.36 -10.75
CA LEU A 236 11.91 15.95 -10.41
C LEU A 236 12.14 15.08 -11.64
N CYS A 237 11.74 15.56 -12.82
CA CYS A 237 12.04 14.85 -14.05
C CYS A 237 13.23 15.44 -14.80
N SER A 238 13.92 16.42 -14.23
CA SER A 238 15.06 17.09 -14.82
C SER A 238 16.38 16.64 -14.18
N ASP A 239 17.48 16.91 -14.88
CA ASP A 239 18.75 16.51 -14.30
C ASP A 239 19.12 17.32 -13.06
N LEU A 240 18.39 18.40 -12.75
CA LEU A 240 18.64 19.12 -11.50
C LEU A 240 18.35 18.27 -10.29
N SER A 241 17.42 17.31 -10.40
CA SER A 241 17.12 16.40 -9.28
C SER A 241 17.93 15.08 -9.33
N ALA A 242 19.13 15.09 -9.92
CA ALA A 242 19.92 13.87 -10.08
C ALA A 242 20.20 13.17 -8.75
N GLY A 243 20.19 13.90 -7.64
CA GLY A 243 20.49 13.35 -6.31
C GLY A 243 19.28 12.76 -5.59
N ILE A 244 18.10 12.78 -6.22
CA ILE A 244 16.83 12.43 -5.56
C ILE A 244 16.20 11.22 -6.26
N SER A 245 16.05 10.12 -5.53
CA SER A 245 15.34 8.94 -6.07
C SER A 245 14.69 8.19 -4.92
N GLY A 246 13.54 7.59 -5.22
CA GLY A 246 12.75 6.86 -4.22
C GLY A 246 11.97 7.74 -3.28
N GLU A 247 11.87 9.05 -3.57
CA GLU A 247 11.38 10.03 -2.60
C GLU A 247 9.93 10.39 -2.89
N VAL A 248 9.16 10.61 -1.81
CA VAL A 248 7.80 11.19 -1.93
C VAL A 248 7.91 12.63 -1.44
N VAL A 249 7.90 13.59 -2.37
CA VAL A 249 8.03 15.01 -2.08
C VAL A 249 6.65 15.63 -1.81
N HIS A 250 6.45 16.19 -0.61
CA HIS A 250 5.15 16.79 -0.31
C HIS A 250 5.06 18.16 -0.94
N VAL A 251 4.12 18.36 -1.83
CA VAL A 251 3.90 19.65 -2.49
C VAL A 251 2.47 20.02 -2.06
N ASP A 252 2.30 20.32 -0.74
CA ASP A 252 1.00 20.60 -0.16
C ASP A 252 1.05 21.87 0.69
N GLY A 253 2.05 22.71 0.46
CA GLY A 253 2.15 23.97 1.19
C GLY A 253 2.55 23.78 2.65
N GLY A 254 2.98 22.59 3.05
CA GLY A 254 3.28 22.30 4.44
C GLY A 254 2.12 21.76 5.24
N PHE A 255 0.96 21.52 4.61
CA PHE A 255 -0.19 21.06 5.35
C PHE A 255 0.14 19.85 6.23
N SER A 256 0.88 18.85 5.69
CA SER A 256 1.02 17.61 6.43
C SER A 256 1.86 17.77 7.68
N ILE A 257 2.68 18.84 7.78
CA ILE A 257 3.61 18.89 8.90
C ILE A 257 3.06 19.66 10.07
N ALA A 258 1.83 20.18 9.98
CA ALA A 258 1.20 20.93 11.06
C ALA A 258 0.16 20.07 11.76
N ALA A 259 -0.14 20.42 13.02
CA ALA A 259 -1.19 19.74 13.76
C ALA A 259 -1.82 20.73 14.74
N MET A 260 -3.12 20.54 14.94
CA MET A 260 -3.97 21.37 15.81
C MET A 260 -3.88 22.87 15.52
N ASN A 261 -3.57 23.20 14.24
CA ASN A 261 -3.41 24.57 13.80
C ASN A 261 -4.75 25.32 13.90
N GLU A 262 -5.86 24.58 13.92
CA GLU A 262 -7.21 25.15 13.88
C GLU A 262 -7.82 25.32 15.26
N LEU A 263 -6.99 25.53 16.28
CA LEU A 263 -7.49 25.90 17.60
C LEU A 263 -7.04 27.34 17.89
N MET B 5 -5.40 -14.42 37.39
CA MET B 5 -5.83 -14.54 36.00
C MET B 5 -4.95 -13.65 35.10
N GLY B 6 -4.71 -14.10 33.82
CA GLY B 6 -3.83 -13.36 32.92
C GLY B 6 -4.46 -12.08 32.41
N PHE B 7 -3.68 -11.29 31.66
CA PHE B 7 -4.24 -9.99 31.28
C PHE B 7 -5.17 -10.07 30.07
N LEU B 8 -5.45 -11.27 29.58
CA LEU B 8 -6.41 -11.51 28.50
C LEU B 8 -7.64 -12.30 29.01
N SER B 9 -7.88 -12.30 30.33
CA SER B 9 -9.03 -13.01 30.88
C SER B 9 -10.34 -12.32 30.54
N GLY B 10 -11.33 -13.14 30.15
CA GLY B 10 -12.61 -12.61 29.73
C GLY B 10 -12.67 -12.25 28.27
N LYS B 11 -11.55 -12.40 27.57
CA LYS B 11 -11.42 -12.17 26.14
C LYS B 11 -11.56 -13.45 25.32
N ARG B 12 -12.24 -13.30 24.20
CA ARG B 12 -12.38 -14.35 23.19
C ARG B 12 -11.76 -13.78 21.91
N ILE B 13 -10.70 -14.43 21.41
CA ILE B 13 -9.91 -13.95 20.27
C ILE B 13 -9.79 -15.07 19.23
N LEU B 14 -10.14 -14.75 17.97
CA LEU B 14 -9.98 -15.68 16.87
C LEU B 14 -8.57 -15.51 16.31
N VAL B 15 -7.90 -16.63 16.01
CA VAL B 15 -6.51 -16.57 15.49
C VAL B 15 -6.47 -17.27 14.15
N THR B 16 -6.07 -16.53 13.11
CA THR B 16 -5.86 -17.05 11.78
C THR B 16 -4.38 -17.39 11.59
N GLY B 17 -4.09 -18.20 10.58
CA GLY B 17 -2.74 -18.26 10.09
C GLY B 17 -1.82 -19.26 10.76
N VAL B 18 -2.33 -20.09 11.68
CA VAL B 18 -1.46 -21.13 12.24
C VAL B 18 -1.24 -22.20 11.17
N ALA B 19 -0.03 -22.33 10.64
CA ALA B 19 0.27 -23.42 9.72
C ALA B 19 1.18 -24.49 10.34
N SER B 20 2.02 -24.11 11.29
CA SER B 20 2.94 -25.05 11.90
C SER B 20 3.35 -24.49 13.25
N LYS B 21 4.08 -25.31 14.02
CA LYS B 21 4.55 -24.86 15.31
C LYS B 21 5.50 -23.69 15.18
N LEU B 22 6.00 -23.41 13.97
CA LEU B 22 6.91 -22.31 13.70
C LEU B 22 6.18 -21.01 13.39
N SER B 23 4.88 -21.09 13.08
CA SER B 23 4.12 -19.90 12.63
C SER B 23 4.12 -18.78 13.65
N ILE B 24 4.17 -17.53 13.15
CA ILE B 24 4.02 -16.42 14.08
C ILE B 24 2.68 -16.54 14.82
N ALA B 25 1.61 -16.96 14.10
CA ALA B 25 0.33 -17.14 14.74
C ALA B 25 0.39 -18.17 15.88
N TYR B 26 1.23 -19.18 15.76
CA TYR B 26 1.34 -20.14 16.86
C TYR B 26 1.92 -19.49 18.12
N GLY B 27 2.94 -18.65 17.94
CA GLY B 27 3.53 -17.95 19.08
C GLY B 27 2.56 -16.97 19.69
N ILE B 28 1.76 -16.28 18.85
CA ILE B 28 0.73 -15.39 19.37
C ILE B 28 -0.30 -16.18 20.16
N ALA B 29 -0.81 -17.28 19.59
CA ALA B 29 -1.80 -18.11 20.27
C ALA B 29 -1.29 -18.60 21.63
N GLN B 30 -0.07 -19.13 21.67
CA GLN B 30 0.50 -19.59 22.95
C GLN B 30 0.53 -18.50 24.00
N ALA B 31 0.93 -17.27 23.62
CA ALA B 31 1.02 -16.20 24.61
C ALA B 31 -0.36 -15.76 25.08
N MET B 32 -1.32 -15.65 24.14
CA MET B 32 -2.66 -15.24 24.50
C MET B 32 -3.30 -16.27 25.44
N HIS B 33 -3.06 -17.55 25.15
CA HIS B 33 -3.57 -18.64 25.98
C HIS B 33 -2.95 -18.57 27.39
N ARG B 34 -1.63 -18.42 27.45
CA ARG B 34 -0.97 -18.21 28.74
C ARG B 34 -1.58 -17.07 29.53
N GLU B 35 -2.01 -16.01 28.85
CA GLU B 35 -2.60 -14.86 29.51
C GLU B 35 -4.11 -14.99 29.71
N GLY B 36 -4.68 -16.18 29.47
CA GLY B 36 -6.04 -16.44 29.87
C GLY B 36 -7.12 -16.23 28.81
N ALA B 37 -6.72 -15.94 27.57
CA ALA B 37 -7.72 -15.79 26.52
C ALA B 37 -8.33 -17.14 26.16
N GLU B 38 -9.62 -17.14 25.83
CA GLU B 38 -10.24 -18.25 25.13
C GLU B 38 -10.00 -18.03 23.64
N LEU B 39 -9.53 -19.05 22.94
CA LEU B 39 -9.13 -18.93 21.55
C LEU B 39 -10.06 -19.71 20.63
N ALA B 40 -10.14 -19.25 19.38
CA ALA B 40 -10.72 -20.00 18.26
C ALA B 40 -9.72 -19.91 17.12
N PHE B 41 -9.72 -20.88 16.22
CA PHE B 41 -8.72 -20.96 15.17
C PHE B 41 -9.35 -21.15 13.80
N THR B 42 -8.77 -20.53 12.77
CA THR B 42 -9.11 -20.92 11.40
C THR B 42 -7.97 -21.65 10.72
N TYR B 43 -8.28 -22.32 9.60
CA TYR B 43 -7.28 -22.93 8.75
C TYR B 43 -7.65 -22.74 7.30
N GLN B 44 -6.63 -22.57 6.45
CA GLN B 44 -6.83 -22.24 5.03
C GLN B 44 -7.57 -23.31 4.27
N ASN B 45 -7.14 -24.56 4.37
CA ASN B 45 -7.66 -25.58 3.49
C ASN B 45 -7.60 -26.90 4.26
N ASP B 46 -8.04 -27.97 3.59
CA ASP B 46 -8.26 -29.22 4.31
C ASP B 46 -6.93 -29.88 4.68
N LYS B 47 -5.85 -29.55 3.98
CA LYS B 47 -4.53 -30.02 4.33
C LYS B 47 -4.11 -29.64 5.76
N LEU B 48 -4.57 -28.48 6.26
CA LEU B 48 -4.19 -28.03 7.58
C LEU B 48 -5.21 -28.38 8.66
N LYS B 49 -6.36 -28.95 8.29
CA LYS B 49 -7.44 -29.25 9.23
C LYS B 49 -6.96 -29.99 10.49
N GLY B 50 -6.63 -31.26 10.30
CA GLY B 50 -5.98 -32.02 11.32
C GLY B 50 -4.58 -31.46 11.31
N ARG B 51 -4.19 -30.89 12.45
CA ARG B 51 -2.95 -30.17 12.73
C ARG B 51 -3.35 -28.88 13.44
N VAL B 52 -4.16 -28.04 12.79
CA VAL B 52 -4.69 -26.89 13.50
C VAL B 52 -5.65 -27.33 14.60
N GLU B 53 -6.45 -28.38 14.34
CA GLU B 53 -7.32 -28.89 15.40
C GLU B 53 -6.49 -29.37 16.59
N GLU B 54 -5.31 -29.92 16.32
CA GLU B 54 -4.43 -30.37 17.37
C GLU B 54 -3.78 -29.22 18.11
N PHE B 55 -3.30 -28.20 17.39
CA PHE B 55 -2.76 -27.04 18.09
C PHE B 55 -3.84 -26.39 18.95
N ALA B 56 -5.06 -26.32 18.43
CA ALA B 56 -6.15 -25.68 19.17
C ALA B 56 -6.49 -26.42 20.46
N ALA B 57 -6.49 -27.75 20.41
CA ALA B 57 -6.88 -28.50 21.59
C ALA B 57 -5.87 -28.29 22.72
N GLN B 58 -4.57 -28.33 22.37
CA GLN B 58 -3.50 -28.00 23.31
C GLN B 58 -3.73 -26.65 23.97
N LEU B 59 -4.39 -25.72 23.28
CA LEU B 59 -4.63 -24.39 23.78
C LEU B 59 -6.08 -24.21 24.27
N GLY B 60 -6.69 -25.30 24.70
CA GLY B 60 -8.00 -25.29 25.32
C GLY B 60 -9.18 -25.08 24.38
N SER B 61 -8.98 -25.16 23.07
CA SER B 61 -9.99 -24.73 22.11
C SER B 61 -10.61 -25.89 21.33
N ASP B 62 -11.95 -25.87 21.26
CA ASP B 62 -12.78 -26.72 20.40
C ASP B 62 -13.13 -26.08 19.08
N ILE B 63 -12.80 -24.81 18.88
CA ILE B 63 -13.37 -24.03 17.79
C ILE B 63 -12.31 -23.94 16.70
N VAL B 64 -12.46 -24.74 15.63
CA VAL B 64 -11.46 -24.82 14.56
C VAL B 64 -12.23 -24.84 13.24
N LEU B 65 -12.13 -23.74 12.48
CA LEU B 65 -13.01 -23.48 11.34
C LEU B 65 -12.21 -23.20 10.07
N GLN B 66 -12.71 -23.71 8.95
CA GLN B 66 -12.07 -23.47 7.68
C GLN B 66 -12.31 -22.04 7.21
N CYS B 67 -11.28 -21.41 6.64
CA CYS B 67 -11.47 -20.05 6.11
C CYS B 67 -10.37 -19.76 5.10
N ASP B 68 -10.76 -19.66 3.85
CA ASP B 68 -9.91 -19.16 2.78
C ASP B 68 -10.29 -17.73 2.43
N VAL B 69 -9.42 -16.78 2.78
CA VAL B 69 -9.80 -15.37 2.68
C VAL B 69 -9.82 -14.88 1.24
N ALA B 70 -9.44 -15.73 0.26
CA ALA B 70 -9.66 -15.40 -1.12
C ALA B 70 -11.16 -15.29 -1.45
N GLU B 71 -12.05 -15.90 -0.64
CA GLU B 71 -13.47 -16.04 -1.00
C GLU B 71 -14.36 -15.36 0.02
N ASP B 72 -15.17 -14.39 -0.42
CA ASP B 72 -16.06 -13.75 0.55
C ASP B 72 -16.97 -14.79 1.20
N ALA B 73 -17.45 -15.77 0.42
CA ALA B 73 -18.36 -16.77 0.98
C ALA B 73 -17.70 -17.58 2.09
N SER B 74 -16.41 -17.89 1.93
CA SER B 74 -15.72 -18.68 2.95
C SER B 74 -15.63 -17.90 4.26
N ILE B 75 -15.25 -16.63 4.15
CA ILE B 75 -15.21 -15.76 5.34
C ILE B 75 -16.62 -15.68 5.97
N ASP B 76 -17.67 -15.46 5.17
CA ASP B 76 -19.02 -15.34 5.75
C ASP B 76 -19.44 -16.63 6.44
N THR B 77 -19.20 -17.76 5.79
CA THR B 77 -19.57 -19.03 6.42
C THR B 77 -18.81 -19.27 7.69
N MET B 78 -17.53 -18.87 7.70
CA MET B 78 -16.76 -19.14 8.90
C MET B 78 -17.28 -18.31 10.05
N PHE B 79 -17.60 -17.05 9.82
CA PHE B 79 -18.09 -16.25 10.94
C PHE B 79 -19.51 -16.65 11.35
N ALA B 80 -20.34 -17.14 10.41
CA ALA B 80 -21.63 -17.69 10.80
C ALA B 80 -21.45 -18.89 11.74
N GLU B 81 -20.51 -19.79 11.42
CA GLU B 81 -20.21 -20.91 12.31
C GLU B 81 -19.69 -20.43 13.65
N LEU B 82 -18.74 -19.49 13.62
CA LEU B 82 -18.21 -18.99 14.89
C LEU B 82 -19.30 -18.39 15.76
N GLY B 83 -20.28 -17.71 15.16
CA GLY B 83 -21.33 -17.08 15.93
C GLY B 83 -22.23 -18.09 16.65
N LYS B 84 -22.23 -19.36 16.24
CA LYS B 84 -23.00 -20.37 16.98
C LYS B 84 -22.43 -20.60 18.38
N VAL B 85 -21.11 -20.39 18.56
CA VAL B 85 -20.48 -20.62 19.85
C VAL B 85 -20.08 -19.30 20.49
N TRP B 86 -19.65 -18.31 19.70
CA TRP B 86 -19.25 -17.00 20.18
C TRP B 86 -20.14 -15.97 19.50
N PRO B 87 -21.34 -15.70 20.03
CA PRO B 87 -22.22 -14.71 19.39
C PRO B 87 -21.55 -13.36 19.30
N LYS B 88 -20.75 -13.05 20.31
CA LYS B 88 -19.86 -11.90 20.30
C LYS B 88 -18.47 -12.36 20.68
N PHE B 89 -17.46 -11.58 20.29
CA PHE B 89 -16.12 -11.89 20.75
C PHE B 89 -15.32 -10.59 20.68
N ASP B 90 -14.01 -10.68 20.94
CA ASP B 90 -13.24 -9.48 21.27
C ASP B 90 -12.13 -9.17 20.28
N GLY B 91 -12.15 -9.75 19.09
CA GLY B 91 -11.20 -9.36 18.03
C GLY B 91 -10.52 -10.57 17.48
N PHE B 92 -9.61 -10.32 16.52
CA PHE B 92 -8.99 -11.43 15.82
C PHE B 92 -7.55 -11.02 15.45
N VAL B 93 -6.73 -12.03 15.27
CA VAL B 93 -5.35 -11.89 14.78
C VAL B 93 -5.34 -12.31 13.32
N HIS B 94 -4.99 -11.37 12.44
CA HIS B 94 -4.78 -11.60 11.02
C HIS B 94 -3.31 -11.91 10.77
N SER B 95 -2.98 -13.17 10.48
CA SER B 95 -1.58 -13.59 10.27
C SER B 95 -1.49 -14.37 8.96
N ILE B 96 -1.74 -13.66 7.86
CA ILE B 96 -1.98 -14.22 6.53
C ILE B 96 -1.25 -13.29 5.55
N GLY B 97 -0.27 -13.84 4.86
CA GLY B 97 0.46 -13.08 3.84
C GLY B 97 0.79 -14.03 2.71
N PHE B 98 0.64 -13.61 1.46
CA PHE B 98 0.92 -14.52 0.36
C PHE B 98 1.07 -13.73 -0.90
N ALA B 99 2.08 -14.09 -1.68
CA ALA B 99 2.19 -13.79 -3.10
C ALA B 99 2.71 -15.02 -3.83
N PRO B 100 2.34 -15.20 -5.10
CA PRO B 100 2.90 -16.33 -5.88
C PRO B 100 4.41 -16.28 -5.79
N GLY B 101 5.03 -17.44 -5.56
CA GLY B 101 6.45 -17.49 -5.24
C GLY B 101 7.35 -16.82 -6.26
N ASP B 102 7.01 -16.96 -7.55
CA ASP B 102 7.76 -16.30 -8.62
C ASP B 102 7.84 -14.78 -8.44
N GLN B 103 6.96 -14.21 -7.64
CA GLN B 103 7.08 -12.79 -7.43
C GLN B 103 8.26 -12.38 -6.58
N LEU B 104 8.79 -13.31 -5.78
CA LEU B 104 9.69 -13.00 -4.66
C LEU B 104 11.12 -13.41 -4.93
N ASP B 105 11.51 -13.43 -6.18
CA ASP B 105 12.91 -13.67 -6.54
C ASP B 105 13.27 -12.77 -7.71
N GLY B 106 14.36 -12.03 -7.59
CA GLY B 106 14.86 -11.32 -8.73
C GLY B 106 14.45 -9.87 -8.74
N ASP B 107 14.92 -9.19 -9.79
CA ASP B 107 14.63 -7.78 -9.99
C ASP B 107 13.13 -7.55 -9.91
N TYR B 108 12.71 -6.56 -9.12
CA TYR B 108 11.28 -6.37 -8.84
C TYR B 108 10.53 -5.99 -10.12
N VAL B 109 11.06 -5.07 -10.89
CA VAL B 109 10.30 -4.63 -12.06
C VAL B 109 10.16 -5.76 -13.07
N ASN B 110 11.15 -6.63 -13.18
CA ASN B 110 11.00 -7.76 -14.10
C ASN B 110 10.08 -8.86 -13.55
N ALA B 111 10.08 -9.07 -12.22
CA ALA B 111 9.32 -10.16 -11.61
C ALA B 111 7.84 -9.88 -11.45
N VAL B 112 7.49 -8.62 -11.20
CA VAL B 112 6.09 -8.32 -10.86
C VAL B 112 5.20 -8.48 -12.09
N THR B 113 3.98 -8.97 -11.87
CA THR B 113 2.99 -9.04 -12.95
C THR B 113 1.68 -8.51 -12.38
N ARG B 114 0.74 -8.20 -13.28
CA ARG B 114 -0.58 -7.73 -12.84
C ARG B 114 -1.27 -8.75 -11.95
N GLU B 115 -1.18 -10.02 -12.32
CA GLU B 115 -1.83 -11.05 -11.53
C GLU B 115 -1.11 -11.30 -10.20
N GLY B 116 0.23 -11.31 -10.20
CA GLY B 116 0.96 -11.48 -8.95
C GLY B 116 0.68 -10.31 -8.02
N PHE B 117 0.60 -9.12 -8.59
CA PHE B 117 0.23 -7.92 -7.81
C PHE B 117 -1.17 -8.06 -7.23
N LYS B 118 -2.11 -8.52 -8.07
CA LYS B 118 -3.50 -8.63 -7.64
C LYS B 118 -3.59 -9.60 -6.46
N ILE B 119 -2.95 -10.75 -6.58
CA ILE B 119 -3.08 -11.76 -5.53
C ILE B 119 -2.40 -11.29 -4.25
N ALA B 120 -1.18 -10.76 -4.36
CA ALA B 120 -0.47 -10.32 -3.18
C ALA B 120 -1.28 -9.31 -2.40
N HIS B 121 -1.92 -8.35 -3.10
CA HIS B 121 -2.70 -7.33 -2.39
C HIS B 121 -4.00 -7.89 -1.85
N ASP B 122 -4.67 -8.76 -2.62
CA ASP B 122 -5.95 -9.33 -2.19
C ASP B 122 -5.76 -10.15 -0.92
N ILE B 123 -4.81 -11.08 -0.97
CA ILE B 123 -4.65 -12.02 0.15
C ILE B 123 -3.98 -11.34 1.33
N SER B 124 -3.00 -10.42 1.09
CA SER B 124 -2.21 -9.91 2.23
C SER B 124 -2.73 -8.59 2.80
N SER B 125 -3.54 -7.85 2.05
CA SER B 125 -4.11 -6.58 2.53
C SER B 125 -5.64 -6.62 2.57
N TYR B 126 -6.30 -6.90 1.44
CA TYR B 126 -7.76 -6.79 1.44
C TYR B 126 -8.35 -7.70 2.51
N SER B 127 -7.78 -8.90 2.64
CA SER B 127 -8.41 -9.90 3.50
C SER B 127 -8.53 -9.40 4.95
N PHE B 128 -7.64 -8.52 5.41
CA PHE B 128 -7.76 -8.01 6.76
C PHE B 128 -9.07 -7.24 6.93
N VAL B 129 -9.37 -6.36 5.98
CA VAL B 129 -10.59 -5.57 6.15
C VAL B 129 -11.80 -6.44 5.74
N ALA B 130 -11.62 -7.41 4.80
CA ALA B 130 -12.71 -8.37 4.52
C ALA B 130 -13.18 -9.09 5.78
N MET B 131 -12.26 -9.51 6.61
CA MET B 131 -12.59 -10.23 7.83
C MET B 131 -13.33 -9.27 8.79
N ALA B 132 -12.86 -8.02 8.87
CA ALA B 132 -13.49 -7.05 9.77
C ALA B 132 -14.93 -6.74 9.31
N LYS B 133 -15.15 -6.52 8.00
CA LYS B 133 -16.50 -6.34 7.47
C LYS B 133 -17.43 -7.45 7.92
N ALA B 134 -16.96 -8.68 7.83
CA ALA B 134 -17.81 -9.86 8.04
C ALA B 134 -18.10 -10.14 9.50
N CYS B 135 -17.29 -9.65 10.43
CA CYS B 135 -17.56 -9.88 11.85
C CYS B 135 -17.83 -8.59 12.60
N ARG B 136 -18.02 -7.46 11.91
CA ARG B 136 -18.13 -6.17 12.58
C ARG B 136 -19.23 -6.17 13.66
N SER B 137 -20.40 -6.73 13.33
CA SER B 137 -21.46 -6.68 14.33
C SER B 137 -21.21 -7.67 15.49
N MET B 138 -20.27 -8.61 15.37
CA MET B 138 -19.98 -9.54 16.45
C MET B 138 -18.97 -9.03 17.47
N LEU B 139 -18.38 -7.85 17.29
CA LEU B 139 -17.30 -7.39 18.16
C LEU B 139 -17.89 -6.69 19.38
N ASN B 140 -17.35 -7.01 20.56
CA ASN B 140 -17.68 -6.25 21.77
C ASN B 140 -16.96 -4.91 21.80
N PRO B 141 -17.48 -3.93 22.56
CA PRO B 141 -16.66 -2.76 22.88
C PRO B 141 -15.40 -3.26 23.56
N GLY B 142 -14.28 -2.57 23.33
CA GLY B 142 -13.01 -3.04 23.84
C GLY B 142 -12.28 -4.02 22.94
N SER B 143 -12.83 -4.33 21.76
CA SER B 143 -12.26 -5.34 20.90
C SER B 143 -10.96 -4.79 20.28
N ALA B 144 -10.13 -5.70 19.76
CA ALA B 144 -8.88 -5.27 19.16
C ALA B 144 -8.55 -6.18 17.99
N LEU B 145 -8.18 -5.59 16.85
CA LEU B 145 -7.79 -6.34 15.69
C LEU B 145 -6.29 -6.16 15.50
N LEU B 146 -5.62 -7.20 15.04
CA LEU B 146 -4.15 -7.14 14.89
C LEU B 146 -3.73 -7.84 13.60
N THR B 147 -2.76 -7.22 12.85
CA THR B 147 -2.19 -7.87 11.67
C THR B 147 -0.67 -7.80 11.78
N LEU B 148 0.02 -8.52 10.88
CA LEU B 148 1.47 -8.67 10.90
C LEU B 148 2.02 -8.06 9.62
N SER B 149 2.87 -7.08 9.76
CA SER B 149 3.53 -6.45 8.62
C SER B 149 5.05 -6.69 8.69
N TYR B 150 5.76 -6.04 7.78
CA TYR B 150 7.21 -6.24 7.68
C TYR B 150 7.79 -4.96 7.10
N LEU B 151 9.07 -4.71 7.44
CA LEU B 151 9.80 -3.51 7.02
C LEU B 151 9.76 -3.30 5.52
N GLY B 152 9.59 -4.36 4.72
CA GLY B 152 9.49 -4.16 3.28
C GLY B 152 8.33 -3.24 2.90
N ALA B 153 7.39 -2.96 3.82
CA ALA B 153 6.39 -1.93 3.53
C ALA B 153 6.99 -0.54 3.42
N GLU B 154 8.00 -0.24 4.24
CA GLU B 154 8.59 1.07 4.40
C GLU B 154 9.85 1.27 3.60
N ARG B 155 10.60 0.20 3.36
CA ARG B 155 11.88 0.26 2.62
C ARG B 155 11.87 -0.72 1.47
N ALA B 156 12.68 -0.45 0.43
CA ALA B 156 12.81 -1.38 -0.69
C ALA B 156 13.80 -2.44 -0.26
N ILE B 157 13.33 -3.69 -0.15
CA ILE B 157 14.16 -4.81 0.29
C ILE B 157 14.30 -5.75 -0.88
N PRO B 158 15.51 -6.23 -1.21
CA PRO B 158 15.69 -7.11 -2.35
C PRO B 158 14.84 -8.37 -2.23
N ASN B 159 14.22 -8.73 -3.36
CA ASN B 159 13.39 -9.92 -3.58
C ASN B 159 12.04 -9.84 -2.89
N TYR B 160 11.87 -8.98 -1.88
CA TYR B 160 10.56 -8.91 -1.24
C TYR B 160 9.51 -8.37 -2.23
N ASN B 161 9.93 -7.48 -3.11
CA ASN B 161 9.20 -7.20 -4.35
C ASN B 161 7.75 -6.83 -4.04
N VAL B 162 6.77 -7.42 -4.73
CA VAL B 162 5.41 -6.93 -4.63
C VAL B 162 4.82 -7.17 -3.23
N MET B 163 5.45 -8.04 -2.41
CA MET B 163 4.92 -8.12 -1.05
C MET B 163 5.15 -6.81 -0.29
N GLY B 164 6.23 -6.07 -0.63
CA GLY B 164 6.44 -4.76 0.01
C GLY B 164 5.26 -3.82 -0.24
N LEU B 165 4.77 -3.78 -1.47
CA LEU B 165 3.61 -2.94 -1.78
C LEU B 165 2.37 -3.42 -1.05
N ALA B 166 2.18 -4.76 -0.99
CA ALA B 166 1.02 -5.30 -0.30
C ALA B 166 1.08 -4.99 1.18
N LYS B 167 2.27 -5.06 1.78
CA LYS B 167 2.34 -4.67 3.19
C LYS B 167 2.14 -3.17 3.38
N ALA B 168 2.58 -2.33 2.42
CA ALA B 168 2.30 -0.91 2.58
C ALA B 168 0.78 -0.66 2.53
N SER B 169 0.10 -1.32 1.59
CA SER B 169 -1.36 -1.29 1.56
C SER B 169 -1.95 -1.76 2.90
N LEU B 170 -1.44 -2.87 3.46
CA LEU B 170 -1.95 -3.36 4.74
C LEU B 170 -1.77 -2.34 5.87
N GLU B 171 -0.61 -1.68 5.95
CA GLU B 171 -0.42 -0.70 7.04
C GLU B 171 -1.38 0.50 6.88
N ALA B 172 -1.61 0.94 5.66
CA ALA B 172 -2.67 1.94 5.45
C ALA B 172 -4.03 1.36 5.87
N ASN B 173 -4.28 0.10 5.56
CA ASN B 173 -5.55 -0.53 5.97
C ASN B 173 -5.72 -0.45 7.48
N VAL B 174 -4.62 -0.69 8.24
CA VAL B 174 -4.64 -0.55 9.68
C VAL B 174 -5.17 0.82 10.09
N ARG B 175 -4.67 1.88 9.45
CA ARG B 175 -5.05 3.26 9.83
C ARG B 175 -6.50 3.51 9.47
N TYR B 176 -6.90 3.16 8.26
CA TYR B 176 -8.30 3.42 7.86
C TYR B 176 -9.30 2.59 8.67
N MET B 177 -8.95 1.35 8.99
CA MET B 177 -9.84 0.51 9.82
C MET B 177 -9.92 1.07 11.24
N ALA B 178 -8.76 1.49 11.79
CA ALA B 178 -8.74 2.07 13.12
C ALA B 178 -9.60 3.32 13.16
N ASN B 179 -9.52 4.13 12.11
CA ASN B 179 -10.27 5.39 12.10
C ASN B 179 -11.77 5.14 11.97
N ALA B 180 -12.15 4.11 11.20
CA ALA B 180 -13.58 3.83 10.94
C ALA B 180 -14.22 3.17 12.14
N MET B 181 -13.48 2.26 12.80
CA MET B 181 -14.11 1.37 13.81
C MET B 181 -13.82 1.87 15.24
N GLY B 182 -12.87 2.79 15.42
CA GLY B 182 -12.61 3.32 16.74
C GLY B 182 -13.85 3.83 17.49
N PRO B 183 -14.69 4.64 16.84
CA PRO B 183 -15.84 5.22 17.56
C PRO B 183 -16.80 4.19 18.12
N GLU B 184 -16.92 3.03 17.53
CA GLU B 184 -17.76 2.01 18.11
C GLU B 184 -16.99 1.12 19.08
N GLY B 185 -15.75 1.46 19.43
CA GLY B 185 -15.06 0.71 20.45
C GLY B 185 -14.09 -0.36 20.02
N VAL B 186 -13.54 -0.30 18.79
CA VAL B 186 -12.62 -1.32 18.30
C VAL B 186 -11.30 -0.63 17.99
N ARG B 187 -10.19 -1.21 18.45
CA ARG B 187 -8.86 -0.79 18.03
C ARG B 187 -8.28 -1.70 16.95
N VAL B 188 -7.36 -1.16 16.14
CA VAL B 188 -6.79 -1.89 15.02
C VAL B 188 -5.33 -1.49 14.95
N ASN B 189 -4.42 -2.47 15.08
CA ASN B 189 -2.98 -2.18 15.02
C ASN B 189 -2.26 -3.27 14.21
N ALA B 190 -0.94 -3.07 14.03
CA ALA B 190 -0.09 -4.06 13.38
C ALA B 190 1.20 -4.16 14.18
N ILE B 191 1.81 -5.34 14.10
CA ILE B 191 3.21 -5.53 14.50
C ILE B 191 4.00 -5.66 13.20
N SER B 192 5.04 -4.84 13.04
CA SER B 192 6.02 -5.04 11.98
C SER B 192 7.15 -5.90 12.59
N ALA B 193 7.15 -7.19 12.27
CA ALA B 193 8.09 -8.14 12.90
C ALA B 193 9.39 -8.17 12.12
N GLY B 194 10.49 -8.42 12.82
CA GLY B 194 11.70 -8.76 12.12
C GLY B 194 11.60 -10.15 11.52
N PRO B 195 12.55 -10.50 10.69
CA PRO B 195 12.44 -11.78 9.95
C PRO B 195 12.57 -12.96 10.92
N ILE B 196 11.74 -13.99 10.68
CA ILE B 196 11.66 -15.21 11.48
C ILE B 196 11.64 -16.43 10.56
N ARG B 197 12.41 -17.47 10.93
CA ARG B 197 12.42 -18.67 10.08
C ARG B 197 11.12 -19.43 10.31
N THR B 198 10.17 -19.20 9.41
CA THR B 198 8.89 -19.90 9.40
C THR B 198 8.70 -20.49 8.01
N LEU B 199 7.54 -21.07 7.78
CA LEU B 199 7.20 -21.46 6.42
C LEU B 199 7.21 -20.28 5.45
N ALA B 200 7.03 -19.06 5.94
CA ALA B 200 7.13 -17.92 5.04
C ALA B 200 8.56 -17.69 4.55
N ALA B 201 9.54 -18.42 5.10
CA ALA B 201 10.91 -18.36 4.60
C ALA B 201 11.21 -19.40 3.52
N SER B 202 10.25 -20.31 3.26
CA SER B 202 10.38 -21.38 2.26
C SER B 202 10.80 -20.86 0.89
N GLY B 203 11.91 -21.37 0.38
CA GLY B 203 12.30 -21.03 -0.98
C GLY B 203 12.80 -19.60 -1.16
N ILE B 204 12.86 -18.83 -0.09
CA ILE B 204 13.53 -17.55 -0.10
C ILE B 204 15.05 -17.76 -0.02
N LYS B 205 15.76 -17.50 -1.13
CA LYS B 205 17.21 -17.66 -1.15
C LYS B 205 17.81 -16.64 -0.21
N ASP B 206 18.99 -16.97 0.32
CA ASP B 206 19.73 -16.05 1.17
C ASP B 206 19.06 -15.78 2.52
N PHE B 207 18.10 -16.62 2.94
CA PHE B 207 17.42 -16.35 4.20
C PHE B 207 18.36 -16.59 5.39
N ARG B 208 19.23 -17.59 5.34
CA ARG B 208 20.19 -17.75 6.42
C ARG B 208 21.09 -16.52 6.53
N LYS B 209 21.66 -16.06 5.40
CA LYS B 209 22.59 -14.94 5.46
C LYS B 209 21.87 -13.65 5.83
N MET B 210 20.58 -13.62 5.55
CA MET B 210 19.75 -12.48 5.92
C MET B 210 19.56 -12.41 7.43
N LEU B 211 19.28 -13.55 8.06
CA LEU B 211 19.12 -13.58 9.51
C LEU B 211 20.46 -13.25 10.19
N ALA B 212 21.56 -13.70 9.61
CA ALA B 212 22.88 -13.38 10.16
C ALA B 212 23.12 -11.87 10.15
N HIS B 213 22.75 -11.22 9.05
CA HIS B 213 22.85 -9.76 8.95
C HIS B 213 22.01 -9.08 10.03
N CYS B 214 20.72 -9.44 10.14
CA CYS B 214 19.91 -8.87 11.21
C CYS B 214 20.51 -9.10 12.58
N GLU B 215 21.03 -10.31 12.82
CA GLU B 215 21.61 -10.62 14.11
C GLU B 215 22.77 -9.67 14.42
N ALA B 216 23.53 -9.29 13.39
CA ALA B 216 24.73 -8.47 13.58
C ALA B 216 24.41 -7.01 13.82
N VAL B 217 23.37 -6.47 13.18
CA VAL B 217 23.14 -5.03 13.21
C VAL B 217 21.91 -4.64 14.03
N THR B 218 21.13 -5.59 14.50
CA THR B 218 20.02 -5.24 15.37
C THR B 218 20.57 -4.76 16.69
N PRO B 219 20.02 -3.66 17.26
CA PRO B 219 20.53 -3.18 18.57
C PRO B 219 20.56 -4.27 19.64
N ILE B 220 19.55 -5.16 19.71
CA ILE B 220 19.61 -6.22 20.75
C ILE B 220 20.47 -7.42 20.33
N ARG B 221 21.05 -7.40 19.14
CA ARG B 221 22.04 -8.38 18.71
C ARG B 221 21.47 -9.80 18.71
N ARG B 222 20.19 -9.94 18.37
CA ARG B 222 19.61 -11.24 18.07
C ARG B 222 18.40 -10.96 17.18
N THR B 223 18.00 -11.98 16.44
CA THR B 223 16.75 -11.81 15.72
C THR B 223 15.58 -12.12 16.64
N VAL B 224 14.38 -11.70 16.25
CA VAL B 224 13.23 -11.86 17.13
C VAL B 224 12.65 -13.28 16.97
N THR B 225 11.88 -13.69 17.95
CA THR B 225 11.21 -15.00 17.93
C THR B 225 9.70 -14.85 17.90
N ILE B 226 9.01 -15.97 17.58
CA ILE B 226 7.55 -15.91 17.68
C ILE B 226 7.11 -15.70 19.13
N GLU B 227 7.98 -15.97 20.10
CA GLU B 227 7.62 -15.64 21.47
C GLU B 227 7.69 -14.14 21.72
N ASP B 228 8.71 -13.45 21.19
CA ASP B 228 8.73 -11.98 21.26
C ASP B 228 7.47 -11.38 20.64
N VAL B 229 7.16 -11.84 19.42
CA VAL B 229 6.01 -11.32 18.69
C VAL B 229 4.73 -11.68 19.43
N GLY B 230 4.65 -12.91 19.99
CA GLY B 230 3.44 -13.33 20.71
C GLY B 230 3.14 -12.46 21.92
N ASN B 231 4.18 -12.09 22.68
CA ASN B 231 4.00 -11.26 23.85
C ASN B 231 3.55 -9.84 23.47
N SER B 232 4.16 -9.24 22.45
CA SER B 232 3.65 -7.96 21.99
C SER B 232 2.25 -8.04 21.45
N ALA B 233 1.94 -9.12 20.75
CA ALA B 233 0.61 -9.33 20.18
C ALA B 233 -0.45 -9.45 21.27
N ALA B 234 -0.14 -10.24 22.33
CA ALA B 234 -1.07 -10.37 23.44
C ALA B 234 -1.31 -9.02 24.09
N PHE B 235 -0.24 -8.20 24.24
CA PHE B 235 -0.43 -6.86 24.77
C PHE B 235 -1.39 -6.04 23.90
N LEU B 236 -1.14 -6.02 22.58
CA LEU B 236 -1.92 -5.19 21.65
C LEU B 236 -3.36 -5.62 21.48
N CYS B 237 -3.71 -6.86 21.83
CA CYS B 237 -5.11 -7.27 21.81
C CYS B 237 -5.75 -7.24 23.19
N SER B 238 -5.03 -6.81 24.20
CA SER B 238 -5.47 -6.73 25.58
C SER B 238 -5.91 -5.31 25.93
N ASP B 239 -6.60 -5.18 27.06
CA ASP B 239 -7.01 -3.83 27.47
C ASP B 239 -5.82 -2.99 27.98
N LEU B 240 -4.67 -3.63 28.23
CA LEU B 240 -3.47 -2.84 28.58
C LEU B 240 -3.12 -1.85 27.50
N SER B 241 -3.49 -2.13 26.24
CA SER B 241 -3.10 -1.26 25.14
C SER B 241 -4.28 -0.40 24.69
N ALA B 242 -5.20 -0.10 25.63
CA ALA B 242 -6.38 0.69 25.33
C ALA B 242 -6.08 2.06 24.73
N GLY B 243 -4.87 2.62 24.95
CA GLY B 243 -4.56 3.91 24.35
C GLY B 243 -3.88 3.86 22.98
N ILE B 244 -3.71 2.68 22.40
CA ILE B 244 -3.00 2.49 21.12
C ILE B 244 -3.99 2.01 20.05
N SER B 245 -4.06 2.77 18.96
CA SER B 245 -4.83 2.31 17.81
C SER B 245 -4.25 2.93 16.55
N GLY B 246 -4.31 2.16 15.45
CA GLY B 246 -3.81 2.67 14.18
C GLY B 246 -2.30 2.64 14.07
N GLU B 247 -1.67 1.95 15.00
CA GLU B 247 -0.21 1.97 15.15
C GLU B 247 0.42 0.74 14.52
N VAL B 248 1.58 0.92 13.88
CA VAL B 248 2.43 -0.17 13.43
C VAL B 248 3.62 -0.24 14.41
N VAL B 249 3.62 -1.23 15.28
CA VAL B 249 4.65 -1.38 16.32
C VAL B 249 5.79 -2.23 15.78
N HIS B 250 7.02 -1.69 15.78
CA HIS B 250 8.17 -2.48 15.32
C HIS B 250 8.64 -3.42 16.42
N VAL B 251 8.53 -4.71 16.13
CA VAL B 251 9.00 -5.74 17.05
C VAL B 251 10.09 -6.44 16.26
N ASP B 252 11.20 -5.74 16.02
CA ASP B 252 12.30 -6.23 15.23
C ASP B 252 13.61 -5.98 15.95
N GLY B 253 13.55 -5.82 17.28
CA GLY B 253 14.77 -5.58 18.05
C GLY B 253 15.46 -4.25 17.81
N GLY B 254 14.80 -3.29 17.14
CA GLY B 254 15.40 -2.04 16.77
C GLY B 254 16.10 -2.05 15.43
N PHE B 255 15.96 -3.14 14.67
CA PHE B 255 16.67 -3.19 13.39
C PHE B 255 16.38 -1.96 12.53
N SER B 256 15.09 -1.55 12.41
CA SER B 256 14.77 -0.51 11.43
C SER B 256 15.33 0.84 11.80
N ILE B 257 15.76 1.04 13.06
CA ILE B 257 16.09 2.40 13.46
C ILE B 257 17.56 2.63 13.47
N ALA B 258 18.35 1.67 13.02
CA ALA B 258 19.80 1.86 12.91
C ALA B 258 20.20 1.84 11.44
N ALA B 259 21.40 2.37 11.14
CA ALA B 259 21.89 2.40 9.77
C ALA B 259 23.41 2.35 9.84
N MET B 260 23.98 1.55 8.93
CA MET B 260 25.43 1.45 8.74
C MET B 260 26.14 0.89 9.96
N ASN B 261 25.40 0.13 10.80
CA ASN B 261 26.01 -0.69 11.85
C ASN B 261 26.99 -1.73 11.27
N GLU B 262 26.78 -2.13 9.99
CA GLU B 262 27.62 -3.15 9.33
C GLU B 262 29.11 -2.84 9.44
N LEU B 263 29.48 -1.59 9.15
CA LEU B 263 30.85 -1.14 9.19
C LEU B 263 31.36 -1.18 10.65
#